data_6TW2
#
_entry.id   6TW2
#
_cell.length_a   90.950
_cell.length_b   64.108
_cell.length_c   78.894
_cell.angle_alpha   90.000
_cell.angle_beta   118.170
_cell.angle_gamma   90.000
#
_symmetry.space_group_name_H-M   'C 1 2 1'
#
loop_
_entity.id
_entity.type
_entity.pdbx_description
1 polymer 'Dual specificity protein kinase CLK1'
2 non-polymer 'ethyl 3-[(E)-2-amino-1-cyanoethenyl]-6,7-dichloro-1-methyl-1H-indole-2-carboxylate'
3 water water
#
_entity_poly.entity_id   1
_entity_poly.type   'polypeptide(L)'
_entity_poly.pdbx_seq_one_letter_code
;SMHLICQSGDVLSARYEIVDTLGEGAFGKVVECIDHKAGGRHVAVKIVKNVDRYCEAARSEIQVLEHLNTTDPNSTFRCV
QMLEWFEHHGHICIVFELLGLSTYDFIKENGFLPFRLDHIRKMAYQICKSVNFLHSNKLTHTDLKPENILFVQSDYTEAY
NPKIKRDERTLINPDIKVVDFGSATYDDEHHSTLV(SEP)(TPO)RHYRAPEVILALGWSQPCDVWSIGCILIEYYLGFT
VFPTHDSKEHLAMMERILGPLPKHMIQKTRKRKYFHHDRLDWDEHSSAGRYVSRACKPLKEFMLSQDVEHERLFDLIQKM
LEYDPAKRITLREALKHPFFDLLKKSI
;
_entity_poly.pdbx_strand_id   E
#
loop_
_chem_comp.id
_chem_comp.type
_chem_comp.name
_chem_comp.formula
V25 non-polymer 'ethyl 3-[(E)-2-amino-1-cyanoethenyl]-6,7-dichloro-1-methyl-1H-indole-2-carboxylate' 'C15 H13 Cl2 N3 O2'
#
# COMPACT_ATOMS: atom_id res chain seq x y z
N MET A 2 6.62 25.08 1.15
CA MET A 2 7.31 23.83 1.45
C MET A 2 8.82 23.95 1.19
N HIS A 3 9.15 24.45 0.00
CA HIS A 3 10.54 24.58 -0.41
C HIS A 3 11.39 25.36 0.59
N LEU A 4 10.77 26.31 1.31
N LEU A 4 10.76 26.29 1.31
CA LEU A 4 11.50 27.25 2.14
CA LEU A 4 11.47 27.25 2.16
C LEU A 4 11.93 26.67 3.49
C LEU A 4 11.92 26.68 3.49
N ILE A 5 11.37 25.55 3.93
CA ILE A 5 11.52 25.11 5.31
C ILE A 5 12.13 23.72 5.43
N CYS A 6 12.67 23.16 4.35
CA CYS A 6 13.07 21.76 4.43
C CYS A 6 14.49 21.52 3.91
N GLN A 7 15.35 22.54 3.94
CA GLN A 7 16.73 22.39 3.48
C GLN A 7 17.62 21.81 4.57
N SER A 8 18.65 21.08 4.15
CA SER A 8 19.55 20.47 5.14
C SER A 8 20.28 21.55 5.91
N GLY A 9 20.48 21.31 7.21
CA GLY A 9 20.93 22.34 8.11
C GLY A 9 19.82 23.10 8.80
N ASP A 10 18.61 23.10 8.24
CA ASP A 10 17.48 23.69 8.94
C ASP A 10 17.27 22.99 10.28
N VAL A 11 16.86 23.76 11.29
CA VAL A 11 16.54 23.22 12.60
C VAL A 11 15.04 23.39 12.83
N LEU A 12 14.38 22.30 13.18
CA LEU A 12 12.94 22.30 13.44
C LEU A 12 12.68 22.16 14.94
N SER A 13 11.75 22.96 15.45
CA SER A 13 11.29 22.85 16.83
C SER A 13 12.44 23.01 17.82
N ALA A 14 13.45 23.79 17.44
CA ALA A 14 14.66 24.00 18.23
C ALA A 14 15.30 22.67 18.64
N ARG A 15 15.19 21.64 17.79
CA ARG A 15 15.50 20.29 18.25
C ARG A 15 16.02 19.37 17.14
N TYR A 16 15.40 19.42 15.96
CA TYR A 16 15.65 18.46 14.89
C TYR A 16 16.43 19.13 13.76
N GLU A 17 17.65 18.66 13.51
CA GLU A 17 18.50 19.21 12.47
C GLU A 17 18.36 18.37 11.21
N ILE A 18 17.89 18.98 10.13
CA ILE A 18 17.71 18.26 8.88
C ILE A 18 19.07 17.87 8.32
N VAL A 19 19.23 16.59 7.99
CA VAL A 19 20.42 16.13 7.30
C VAL A 19 20.16 15.61 5.90
N ASP A 20 18.91 15.30 5.55
CA ASP A 20 18.66 14.69 4.25
C ASP A 20 17.16 14.72 3.97
N THR A 21 16.79 14.69 2.69
CA THR A 21 15.42 14.45 2.27
C THR A 21 15.25 12.97 1.94
N LEU A 22 14.23 12.37 2.52
CA LEU A 22 14.03 10.93 2.31
C LEU A 22 13.04 10.64 1.19
N GLY A 23 12.11 11.54 0.93
CA GLY A 23 11.11 11.30 -0.09
C GLY A 23 10.14 12.44 -0.15
N GLU A 24 9.33 12.43 -1.20
CA GLU A 24 8.33 13.46 -1.42
C GLU A 24 7.03 12.80 -1.86
N GLY A 25 5.92 13.30 -1.33
CA GLY A 25 4.63 12.77 -1.71
C GLY A 25 3.63 13.87 -1.92
N ALA A 26 2.37 13.51 -2.12
CA ALA A 26 1.33 14.51 -2.30
C ALA A 26 1.18 15.37 -1.05
N PHE A 27 1.45 14.79 0.12
CA PHE A 27 1.27 15.47 1.40
C PHE A 27 2.35 16.50 1.68
N GLY A 28 3.47 16.40 0.99
CA GLY A 28 4.64 17.16 1.39
C GLY A 28 5.88 16.31 1.26
N LYS A 29 6.70 16.26 2.31
CA LYS A 29 8.04 15.72 2.20
C LYS A 29 8.42 15.07 3.53
N VAL A 30 9.28 14.04 3.48
CA VAL A 30 9.84 13.43 4.67
C VAL A 30 11.35 13.65 4.67
N VAL A 31 11.87 14.18 5.78
CA VAL A 31 13.30 14.44 5.90
C VAL A 31 13.86 13.62 7.05
N GLU A 32 15.16 13.39 6.99
CA GLU A 32 15.92 12.74 8.06
C GLU A 32 16.58 13.81 8.92
N CYS A 33 16.43 13.69 10.22
CA CYS A 33 16.93 14.69 11.17
C CYS A 33 17.72 14.04 12.28
N ILE A 34 18.67 14.80 12.81
CA ILE A 34 19.31 14.50 14.09
C ILE A 34 18.45 15.09 15.20
N ASP A 35 18.06 14.26 16.16
CA ASP A 35 17.32 14.74 17.33
C ASP A 35 18.33 15.14 18.40
N HIS A 36 18.55 16.45 18.55
CA HIS A 36 19.54 16.89 19.52
C HIS A 36 19.07 16.80 20.96
N LYS A 37 17.79 16.60 21.22
CA LYS A 37 17.34 16.43 22.60
C LYS A 37 17.12 14.96 22.97
N ALA A 38 17.51 14.04 22.10
CA ALA A 38 17.45 12.60 22.34
C ALA A 38 18.80 11.97 22.04
N GLY A 39 19.88 12.68 22.37
CA GLY A 39 21.21 12.13 22.20
C GLY A 39 21.70 12.01 20.79
N GLY A 40 21.11 12.75 19.84
CA GLY A 40 21.57 12.68 18.47
C GLY A 40 20.98 11.54 17.67
N ARG A 41 19.99 10.85 18.21
CA ARG A 41 19.29 9.82 17.47
C ARG A 41 18.73 10.40 16.17
N HIS A 42 18.82 9.63 15.09
CA HIS A 42 18.26 10.05 13.81
C HIS A 42 16.80 9.66 13.74
N VAL A 43 15.97 10.58 13.28
CA VAL A 43 14.54 10.36 13.17
C VAL A 43 14.12 10.77 11.77
N ALA A 44 12.94 10.30 11.34
CA ALA A 44 12.30 10.82 10.14
C ALA A 44 11.26 11.84 10.56
N VAL A 45 11.17 12.94 9.81
CA VAL A 45 10.16 13.97 10.08
C VAL A 45 9.33 14.20 8.84
N LYS A 46 8.03 13.96 8.95
CA LYS A 46 7.08 14.22 7.87
C LYS A 46 6.65 15.67 7.92
N ILE A 47 6.97 16.44 6.88
CA ILE A 47 6.65 17.85 6.82
C ILE A 47 5.45 18.02 5.88
N VAL A 48 4.31 18.42 6.41
CA VAL A 48 3.06 18.39 5.65
C VAL A 48 2.78 19.76 5.04
N LYS A 49 2.32 19.76 3.79
CA LYS A 49 1.92 20.99 3.12
C LYS A 49 0.92 21.77 3.96
N ASN A 50 1.08 23.09 3.99
CA ASN A 50 0.11 23.96 4.64
C ASN A 50 -1.08 24.16 3.70
N VAL A 51 -1.85 23.08 3.56
CA VAL A 51 -3.01 23.00 2.69
C VAL A 51 -4.08 22.24 3.45
N ASP A 52 -5.32 22.75 3.39
CA ASP A 52 -6.39 22.26 4.26
C ASP A 52 -6.53 20.73 4.21
N ARG A 53 -6.64 20.16 3.02
CA ARG A 53 -6.88 18.72 2.95
C ARG A 53 -5.71 17.93 3.53
N TYR A 54 -4.49 18.41 3.36
CA TYR A 54 -3.34 17.69 3.87
C TYR A 54 -3.16 17.89 5.37
N CYS A 55 -3.39 19.11 5.87
N CYS A 55 -3.43 19.10 5.87
CA CYS A 55 -3.40 19.34 7.31
CA CYS A 55 -3.40 19.35 7.31
C CYS A 55 -4.42 18.45 7.99
C CYS A 55 -4.46 18.53 8.03
N GLU A 56 -5.64 18.40 7.43
CA GLU A 56 -6.67 17.55 8.00
C GLU A 56 -6.22 16.10 8.07
N ALA A 57 -5.62 15.60 6.98
CA ALA A 57 -5.13 14.23 6.96
C ALA A 57 -4.01 14.03 7.97
N ALA A 58 -3.15 15.04 8.15
CA ALA A 58 -2.06 14.90 9.10
C ALA A 58 -2.58 14.82 10.54
N ARG A 59 -3.56 15.66 10.89
N ARG A 59 -3.57 15.64 10.91
CA ARG A 59 -4.17 15.57 12.21
CA ARG A 59 -4.13 15.54 12.24
C ARG A 59 -4.83 14.21 12.42
C ARG A 59 -4.88 14.22 12.44
N SER A 60 -5.51 13.70 11.39
CA SER A 60 -6.11 12.37 11.47
C SER A 60 -5.05 11.30 11.67
N GLU A 61 -3.93 11.40 10.94
CA GLU A 61 -2.87 10.40 11.06
C GLU A 61 -2.27 10.41 12.46
N ILE A 62 -2.09 11.60 13.04
CA ILE A 62 -1.58 11.69 14.41
C ILE A 62 -2.52 10.99 15.39
N GLN A 63 -3.83 11.16 15.24
CA GLN A 63 -4.74 10.49 16.17
C GLN A 63 -4.68 8.98 15.99
N VAL A 64 -4.67 8.49 14.74
CA VAL A 64 -4.52 7.06 14.51
C VAL A 64 -3.24 6.55 15.14
N LEU A 65 -2.12 7.21 14.84
CA LEU A 65 -0.83 6.75 15.34
C LEU A 65 -0.75 6.80 16.87
N GLU A 66 -1.39 7.78 17.51
CA GLU A 66 -1.42 7.77 18.97
C GLU A 66 -2.16 6.55 19.48
N HIS A 67 -3.25 6.19 18.82
CA HIS A 67 -4.01 5.02 19.20
C HIS A 67 -3.20 3.75 18.96
N LEU A 68 -2.60 3.62 17.76
CA LEU A 68 -1.86 2.39 17.46
C LEU A 68 -0.66 2.23 18.37
N ASN A 69 0.05 3.31 18.66
CA ASN A 69 1.28 3.16 19.44
C ASN A 69 0.99 2.85 20.90
N THR A 70 -0.14 3.34 21.43
CA THR A 70 -0.57 2.92 22.76
C THR A 70 -1.03 1.46 22.78
N THR A 71 -1.75 1.05 21.74
CA THR A 71 -2.25 -0.31 21.65
C THR A 71 -1.14 -1.33 21.50
N ASP A 72 -0.07 -0.96 20.79
CA ASP A 72 1.04 -1.85 20.47
C ASP A 72 2.35 -1.17 20.85
N PRO A 73 2.59 -0.95 22.15
CA PRO A 73 3.79 -0.21 22.57
C PRO A 73 5.11 -0.89 22.24
N ASN A 74 5.13 -2.21 22.05
CA ASN A 74 6.34 -2.93 21.66
C ASN A 74 6.53 -2.99 20.14
N SER A 75 5.68 -2.31 19.35
N SER A 75 5.65 -2.38 19.35
CA SER A 75 5.59 -2.38 17.89
CA SER A 75 5.73 -2.37 17.90
C SER A 75 5.69 -3.81 17.36
C SER A 75 5.61 -3.79 17.31
N THR A 76 5.05 -4.74 18.08
CA THR A 76 4.99 -6.13 17.62
C THR A 76 4.34 -6.27 16.26
N PHE A 77 3.47 -5.34 15.86
CA PHE A 77 2.73 -5.51 14.62
C PHE A 77 3.20 -4.58 13.51
N ARG A 78 4.36 -3.94 13.66
CA ARG A 78 5.09 -3.31 12.54
C ARG A 78 4.35 -2.16 11.88
N CYS A 79 3.58 -1.38 12.64
CA CYS A 79 3.15 -0.08 12.17
C CYS A 79 4.22 0.93 12.56
N VAL A 80 4.42 1.93 11.72
CA VAL A 80 5.47 2.92 11.99
C VAL A 80 5.20 3.57 13.34
N GLN A 81 6.25 3.85 14.09
N GLN A 81 6.25 3.82 14.11
CA GLN A 81 6.11 4.41 15.43
CA GLN A 81 6.13 4.41 15.44
C GLN A 81 6.32 5.92 15.37
C GLN A 81 6.31 5.92 15.35
N MET A 82 5.28 6.67 15.73
CA MET A 82 5.40 8.13 15.85
C MET A 82 5.99 8.48 17.21
N LEU A 83 6.93 9.41 17.21
CA LEU A 83 7.60 9.83 18.44
C LEU A 83 6.96 11.05 19.06
N GLU A 84 6.56 12.02 18.23
CA GLU A 84 5.83 13.22 18.63
C GLU A 84 5.48 13.95 17.34
N TRP A 85 4.82 15.08 17.49
CA TRP A 85 4.51 15.96 16.37
C TRP A 85 4.61 17.39 16.87
N PHE A 86 4.71 18.34 15.93
CA PHE A 86 4.81 19.76 16.28
C PHE A 86 4.43 20.57 15.04
N GLU A 87 4.45 21.89 15.18
CA GLU A 87 4.19 22.82 14.08
C GLU A 87 5.42 23.66 13.81
N HIS A 88 5.70 23.90 12.53
CA HIS A 88 6.90 24.58 12.09
C HIS A 88 6.50 25.52 10.97
N HIS A 89 6.51 26.82 11.24
CA HIS A 89 6.08 27.82 10.26
C HIS A 89 4.69 27.50 9.73
N GLY A 90 3.82 27.06 10.64
CA GLY A 90 2.46 26.73 10.28
C GLY A 90 2.26 25.37 9.65
N HIS A 91 3.33 24.58 9.49
CA HIS A 91 3.26 23.26 8.89
C HIS A 91 3.24 22.20 9.99
N ILE A 92 2.39 21.19 9.81
CA ILE A 92 2.36 20.06 10.72
C ILE A 92 3.55 19.17 10.41
N CYS A 93 4.27 18.78 11.45
CA CYS A 93 5.46 17.96 11.31
C CYS A 93 5.27 16.76 12.22
N ILE A 94 5.41 15.56 11.67
CA ILE A 94 5.29 14.34 12.45
C ILE A 94 6.64 13.65 12.52
N VAL A 95 7.11 13.34 13.73
CA VAL A 95 8.39 12.68 13.93
C VAL A 95 8.18 11.17 14.05
N PHE A 96 8.94 10.41 13.27
CA PHE A 96 8.86 8.95 13.25
C PHE A 96 10.23 8.35 13.56
N GLU A 97 10.23 7.16 14.16
N GLU A 97 10.23 7.17 14.16
CA GLU A 97 11.45 6.36 14.14
CA GLU A 97 11.42 6.32 14.11
C GLU A 97 11.92 6.23 12.69
C GLU A 97 11.91 6.27 12.66
N LEU A 98 13.23 6.30 12.48
CA LEU A 98 13.78 6.28 11.11
C LEU A 98 13.59 4.92 10.46
N LEU A 99 13.09 4.90 9.23
CA LEU A 99 13.03 3.67 8.44
C LEU A 99 13.81 3.82 7.15
N GLY A 100 13.95 2.70 6.45
CA GLY A 100 14.66 2.64 5.20
C GLY A 100 13.80 2.94 3.99
N LEU A 101 14.31 2.53 2.83
CA LEU A 101 13.68 2.81 1.53
C LEU A 101 12.32 2.11 1.42
N SER A 102 11.34 2.78 0.80
CA SER A 102 10.09 2.08 0.49
C SER A 102 10.36 0.91 -0.47
N THR A 103 9.46 -0.09 -0.46
CA THR A 103 9.64 -1.21 -1.37
C THR A 103 9.52 -0.77 -2.83
N TYR A 104 8.73 0.26 -3.09
CA TYR A 104 8.65 0.81 -4.44
C TYR A 104 9.99 1.39 -4.86
N ASP A 105 10.58 2.22 -3.99
CA ASP A 105 11.87 2.82 -4.33
C ASP A 105 12.94 1.77 -4.54
N PHE A 106 12.89 0.67 -3.76
CA PHE A 106 13.91 -0.35 -3.91
C PHE A 106 13.80 -1.05 -5.26
N ILE A 107 12.59 -1.43 -5.67
CA ILE A 107 12.38 -2.02 -6.99
C ILE A 107 12.87 -1.09 -8.08
N LYS A 108 12.58 0.20 -7.93
CA LYS A 108 12.99 1.19 -8.93
C LYS A 108 14.50 1.26 -9.03
N GLU A 109 15.18 1.33 -7.88
CA GLU A 109 16.64 1.41 -7.89
C GLU A 109 17.30 0.09 -8.23
N ASN A 110 16.51 -1.00 -8.30
CA ASN A 110 16.95 -2.32 -8.72
C ASN A 110 16.54 -2.61 -10.16
N GLY A 111 16.31 -1.57 -10.96
CA GLY A 111 15.95 -1.75 -12.36
C GLY A 111 14.63 -2.45 -12.59
N PHE A 112 13.66 -2.24 -11.70
CA PHE A 112 12.34 -2.88 -11.76
C PHE A 112 12.45 -4.40 -11.71
N LEU A 113 13.52 -4.92 -11.12
CA LEU A 113 13.60 -6.36 -10.93
C LEU A 113 12.69 -6.76 -9.76
N PRO A 114 12.02 -7.90 -9.87
CA PRO A 114 11.15 -8.35 -8.78
C PRO A 114 11.95 -8.85 -7.59
N PHE A 115 11.26 -8.96 -6.46
CA PHE A 115 11.86 -9.61 -5.29
C PHE A 115 11.82 -11.12 -5.48
N ARG A 116 12.84 -11.78 -4.90
CA ARG A 116 12.91 -13.22 -4.80
C ARG A 116 11.73 -13.75 -4.00
N LEU A 117 11.26 -14.96 -4.35
CA LEU A 117 10.02 -15.46 -3.76
C LEU A 117 10.14 -15.61 -2.24
N ASP A 118 11.31 -16.03 -1.74
CA ASP A 118 11.42 -16.20 -0.30
C ASP A 118 11.32 -14.87 0.43
N HIS A 119 11.75 -13.78 -0.21
CA HIS A 119 11.58 -12.48 0.41
C HIS A 119 10.13 -12.00 0.29
N ILE A 120 9.48 -12.27 -0.83
CA ILE A 120 8.06 -11.94 -0.95
C ILE A 120 7.25 -12.62 0.16
N ARG A 121 7.53 -13.90 0.42
CA ARG A 121 6.78 -14.61 1.43
C ARG A 121 6.92 -13.92 2.80
N LYS A 122 8.15 -13.61 3.21
N LYS A 122 8.16 -13.58 3.19
CA LYS A 122 8.37 -12.92 4.48
CA LYS A 122 8.41 -12.94 4.47
C LYS A 122 7.70 -11.57 4.51
C LYS A 122 7.77 -11.55 4.53
N MET A 123 7.82 -10.80 3.42
CA MET A 123 7.25 -9.45 3.41
C MET A 123 5.73 -9.52 3.43
N ALA A 124 5.17 -10.45 2.65
CA ALA A 124 3.71 -10.62 2.60
C ALA A 124 3.17 -10.97 3.98
N TYR A 125 3.89 -11.85 4.68
CA TYR A 125 3.43 -12.26 6.01
C TYR A 125 3.42 -11.07 6.97
N GLN A 126 4.47 -10.25 6.94
CA GLN A 126 4.51 -9.09 7.83
C GLN A 126 3.46 -8.08 7.46
N ILE A 127 3.24 -7.86 6.16
CA ILE A 127 2.21 -6.92 5.76
C ILE A 127 0.86 -7.41 6.20
N CYS A 128 0.57 -8.71 6.00
CA CYS A 128 -0.72 -9.24 6.43
C CYS A 128 -0.90 -9.13 7.94
N LYS A 129 0.13 -9.45 8.71
CA LYS A 129 0.03 -9.38 10.16
C LYS A 129 -0.17 -7.94 10.62
N SER A 130 0.55 -7.01 10.01
N SER A 130 0.55 -7.01 9.98
CA SER A 130 0.40 -5.60 10.38
CA SER A 130 0.45 -5.59 10.33
C SER A 130 -0.98 -5.06 10.04
C SER A 130 -0.93 -5.03 10.02
N VAL A 131 -1.40 -5.24 8.79
CA VAL A 131 -2.72 -4.73 8.42
C VAL A 131 -3.84 -5.49 9.13
N ASN A 132 -3.64 -6.78 9.44
CA ASN A 132 -4.65 -7.49 10.24
C ASN A 132 -4.78 -6.87 11.63
N PHE A 133 -3.67 -6.39 12.19
CA PHE A 133 -3.72 -5.65 13.45
C PHE A 133 -4.58 -4.38 13.33
N LEU A 134 -4.44 -3.65 12.22
CA LEU A 134 -5.35 -2.52 12.00
C LEU A 134 -6.79 -3.01 11.91
N HIS A 135 -7.01 -4.07 11.16
CA HIS A 135 -8.38 -4.56 11.02
C HIS A 135 -8.96 -5.01 12.36
N SER A 136 -8.13 -5.57 13.24
CA SER A 136 -8.54 -5.96 14.60
C SER A 136 -8.91 -4.76 15.46
N ASN A 137 -8.48 -3.57 15.10
CA ASN A 137 -8.77 -2.36 15.87
C ASN A 137 -9.68 -1.42 15.11
N LYS A 138 -10.55 -1.99 14.26
CA LYS A 138 -11.65 -1.27 13.62
C LYS A 138 -11.15 -0.19 12.67
N LEU A 139 -10.00 -0.43 12.05
CA LEU A 139 -9.41 0.50 11.11
C LEU A 139 -9.28 -0.14 9.72
N THR A 140 -9.32 0.71 8.69
CA THR A 140 -9.00 0.36 7.32
C THR A 140 -7.91 1.32 6.87
N HIS A 141 -6.86 0.79 6.23
CA HIS A 141 -5.74 1.66 5.82
C HIS A 141 -6.13 2.53 4.63
N THR A 142 -6.67 1.89 3.59
CA THR A 142 -7.22 2.40 2.33
C THR A 142 -6.14 2.77 1.32
N ASP A 143 -4.87 2.85 1.68
CA ASP A 143 -3.88 3.36 0.74
C ASP A 143 -2.64 2.46 0.74
N LEU A 144 -2.84 1.15 0.80
CA LEU A 144 -1.73 0.23 0.77
C LEU A 144 -1.17 0.14 -0.64
N LYS A 145 0.13 0.28 -0.76
CA LYS A 145 0.83 0.26 -2.02
C LYS A 145 2.31 0.13 -1.70
N PRO A 146 3.13 -0.33 -2.65
CA PRO A 146 4.56 -0.54 -2.33
C PRO A 146 5.24 0.71 -1.81
N GLU A 147 4.83 1.90 -2.24
N GLU A 147 4.79 1.89 -2.24
CA GLU A 147 5.45 3.11 -1.72
CA GLU A 147 5.34 3.15 -1.78
C GLU A 147 5.17 3.31 -0.24
C GLU A 147 5.09 3.38 -0.28
N ASN A 148 4.10 2.69 0.30
CA ASN A 148 3.76 2.83 1.71
C ASN A 148 4.20 1.62 2.55
N ILE A 149 5.03 0.75 1.99
CA ILE A 149 5.65 -0.33 2.73
C ILE A 149 7.12 -0.02 2.73
N LEU A 150 7.72 0.14 3.91
CA LEU A 150 9.11 0.57 4.00
C LEU A 150 9.93 -0.53 4.62
N PHE A 151 11.10 -0.76 4.04
CA PHE A 151 12.07 -1.63 4.70
C PHE A 151 12.59 -0.98 5.97
N VAL A 152 12.75 -1.80 7.02
CA VAL A 152 13.37 -1.32 8.24
C VAL A 152 14.80 -0.88 7.95
N GLN A 153 15.54 -1.68 7.19
N GLN A 153 15.51 -1.66 7.15
CA GLN A 153 16.88 -1.32 6.74
CA GLN A 153 16.89 -1.39 6.75
C GLN A 153 17.07 -1.93 5.37
C GLN A 153 17.08 -1.96 5.35
N SER A 154 17.44 -1.10 4.39
CA SER A 154 17.43 -1.53 2.98
C SER A 154 18.81 -1.85 2.44
N ASP A 155 19.77 -2.18 3.29
N ASP A 155 19.78 -2.16 3.30
CA ASP A 155 21.08 -2.62 2.82
CA ASP A 155 21.07 -2.61 2.80
C ASP A 155 20.95 -3.88 1.99
C ASP A 155 20.91 -3.86 1.95
N TYR A 156 21.79 -4.00 0.94
CA TYR A 156 21.66 -5.06 -0.04
C TYR A 156 23.04 -5.50 -0.49
N THR A 157 23.09 -6.65 -1.18
CA THR A 157 24.27 -7.08 -1.93
C THR A 157 23.90 -7.20 -3.41
N GLU A 158 24.93 -7.24 -4.28
CA GLU A 158 24.75 -7.32 -5.72
C GLU A 158 25.45 -8.55 -6.30
N ALA A 159 24.82 -9.19 -7.29
CA ALA A 159 25.39 -10.36 -7.94
C ALA A 159 24.77 -10.54 -9.32
N TYR A 160 25.51 -11.19 -10.21
CA TYR A 160 25.04 -11.46 -11.55
C TYR A 160 24.05 -12.63 -11.54
N ASN A 161 23.04 -12.54 -12.40
CA ASN A 161 22.03 -13.59 -12.49
C ASN A 161 22.31 -14.56 -13.64
N ARG A 166 21.34 -10.64 -15.77
CA ARG A 166 21.51 -9.25 -15.32
C ARG A 166 22.07 -9.15 -13.90
N ASP A 167 22.32 -7.91 -13.47
CA ASP A 167 22.78 -7.62 -12.12
C ASP A 167 21.59 -7.36 -11.20
N GLU A 168 21.61 -7.99 -10.03
CA GLU A 168 20.49 -7.98 -9.10
C GLU A 168 20.96 -7.49 -7.74
N ARG A 169 20.13 -6.66 -7.09
CA ARG A 169 20.29 -6.37 -5.68
C ARG A 169 19.36 -7.27 -4.88
N THR A 170 19.88 -7.80 -3.77
CA THR A 170 19.13 -8.67 -2.88
C THR A 170 19.24 -8.09 -1.48
N LEU A 171 18.08 -7.89 -0.82
CA LEU A 171 18.08 -7.38 0.55
C LEU A 171 18.84 -8.32 1.47
N ILE A 172 19.57 -7.75 2.43
CA ILE A 172 20.16 -8.54 3.50
C ILE A 172 19.10 -8.89 4.54
N ASN A 173 18.17 -7.99 4.78
CA ASN A 173 17.10 -8.20 5.74
C ASN A 173 15.84 -7.56 5.18
N PRO A 174 14.83 -8.35 4.82
CA PRO A 174 13.63 -7.76 4.18
C PRO A 174 12.54 -7.36 5.16
N ASP A 175 12.83 -7.17 6.45
CA ASP A 175 11.80 -6.71 7.40
C ASP A 175 11.20 -5.38 6.93
N ILE A 176 9.88 -5.22 7.12
CA ILE A 176 9.19 -4.02 6.68
C ILE A 176 8.35 -3.45 7.81
N LYS A 177 7.88 -2.21 7.58
CA LYS A 177 6.82 -1.61 8.36
C LYS A 177 5.82 -0.97 7.42
N VAL A 178 4.58 -0.83 7.91
CA VAL A 178 3.52 -0.15 7.18
C VAL A 178 3.50 1.29 7.62
N VAL A 179 3.38 2.21 6.68
CA VAL A 179 3.37 3.64 6.95
C VAL A 179 2.20 4.30 6.21
N ASP A 180 2.06 5.61 6.49
CA ASP A 180 1.08 6.55 5.94
C ASP A 180 -0.34 6.23 6.38
N PHE A 181 -0.70 6.77 7.53
CA PHE A 181 -2.03 6.58 8.10
C PHE A 181 -2.91 7.81 7.93
N GLY A 182 -2.57 8.67 6.97
CA GLY A 182 -3.36 9.85 6.73
C GLY A 182 -4.70 9.58 6.10
N SER A 183 -4.89 8.38 5.52
CA SER A 183 -6.18 8.03 4.96
C SER A 183 -6.93 6.98 5.80
N ALA A 184 -6.29 6.41 6.82
CA ALA A 184 -6.91 5.31 7.56
C ALA A 184 -8.21 5.78 8.20
N THR A 185 -9.23 4.92 8.19
CA THR A 185 -10.58 5.28 8.59
C THR A 185 -11.11 4.24 9.58
N TYR A 186 -11.70 4.71 10.67
CA TYR A 186 -12.35 3.81 11.62
C TYR A 186 -13.72 3.38 11.12
N ASP A 187 -14.15 2.20 11.57
CA ASP A 187 -15.45 1.66 11.22
C ASP A 187 -16.60 2.64 11.44
N ASP A 188 -16.63 3.28 12.60
N ASP A 188 -16.63 3.27 12.60
CA ASP A 188 -17.75 4.17 12.90
CA ASP A 188 -17.70 4.19 12.95
C ASP A 188 -17.55 5.57 12.34
C ASP A 188 -17.44 5.61 12.49
N GLU A 189 -16.52 5.80 11.55
CA GLU A 189 -16.24 7.09 10.94
C GLU A 189 -16.91 7.18 9.58
N HIS A 190 -17.08 8.41 9.11
CA HIS A 190 -17.55 8.61 7.75
C HIS A 190 -16.56 8.01 6.76
N HIS A 191 -17.10 7.16 5.87
N HIS A 191 -17.06 7.25 5.80
CA HIS A 191 -16.34 6.53 4.79
CA HIS A 191 -16.17 6.70 4.78
C HIS A 191 -16.70 7.23 3.49
C HIS A 191 -16.08 7.68 3.62
N SER A 192 -15.69 7.81 2.84
N SER A 192 -14.88 8.22 3.40
CA SER A 192 -15.91 8.49 1.57
CA SER A 192 -14.65 9.09 2.25
C SER A 192 -16.42 7.50 0.52
C SER A 192 -15.11 8.42 0.96
N THR A 193 -17.64 7.71 0.03
N THR A 193 -15.83 9.19 0.13
CA THR A 193 -18.11 6.94 -1.12
CA THR A 193 -16.51 8.65 -1.04
C THR A 193 -17.38 7.37 -2.39
C THR A 193 -15.54 8.03 -2.05
N LEU A 194 -16.80 8.56 -2.42
N LEU A 194 -14.23 8.27 -1.92
CA LEU A 194 -15.87 8.97 -3.47
CA LEU A 194 -13.25 7.63 -2.79
C LEU A 194 -14.45 8.87 -2.93
C LEU A 194 -11.95 7.48 -2.03
N VAL A 195 -13.60 8.13 -3.63
N VAL A 195 -11.48 6.24 -1.85
CA VAL A 195 -12.26 7.88 -3.15
CA VAL A 195 -10.21 6.02 -1.18
C VAL A 195 -11.24 8.42 -4.16
C VAL A 195 -9.24 5.30 -2.11
N SEP A 196 -10.25 9.15 -3.67
CA SEP A 196 -9.30 9.82 -4.54
CB SEP A 196 -8.50 10.84 -3.76
OG SEP A 196 -7.97 10.24 -2.60
C SEP A 196 -8.36 8.84 -5.23
O SEP A 196 -8.62 7.64 -5.27
P SEP A 196 -7.42 11.37 -1.61
O1P SEP A 196 -8.66 12.26 -1.12
O2P SEP A 196 -6.72 10.67 -0.34
O3P SEP A 196 -6.36 12.29 -2.40
N SER A 196 -8.01 5.10 -1.62
CA SER A 196 -6.97 4.29 -2.27
C SER A 196 -6.32 5.03 -3.44
N TPO A 197 -7.27 9.38 -5.76
CA TPO A 197 -6.33 8.59 -6.55
CB TPO A 197 -5.30 9.48 -7.19
CG2 TPO A 197 -4.25 8.65 -7.92
OG1 TPO A 197 -5.98 10.32 -8.12
P TPO A 197 -5.79 11.84 -7.59
O1P TPO A 197 -6.24 12.77 -8.64
O2P TPO A 197 -6.64 12.06 -6.24
O3P TPO A 197 -4.23 12.10 -7.27
C TPO A 197 -5.66 7.50 -5.75
O TPO A 197 -5.08 7.74 -4.69
N THR A 197 -4.99 5.04 -3.47
CA THR A 197 -4.26 5.36 -4.69
C THR A 197 -4.72 4.39 -5.77
N ARG A 198 -5.76 6.27 -6.24
N ARG A 198 -4.89 4.90 -6.99
CA ARG A 198 -5.11 5.15 -5.59
CA ARG A 198 -5.81 4.25 -7.94
C ARG A 198 -4.34 4.33 -6.62
C ARG A 198 -5.36 2.84 -8.30
N HIS A 199 -3.17 3.82 -6.19
N HIS A 199 -4.05 2.62 -8.49
CA HIS A 199 -2.38 2.95 -7.03
CA HIS A 199 -3.60 1.30 -8.95
C HIS A 199 -3.18 1.71 -7.41
C HIS A 199 -3.95 0.19 -7.96
N TYR A 200 -3.92 1.15 -6.46
N TYR A 200 -4.28 0.52 -6.73
CA TYR A 200 -4.83 0.04 -6.71
CA TYR A 200 -4.49 -0.48 -5.69
C TYR A 200 -6.24 0.45 -6.35
C TYR A 200 -5.91 -0.40 -5.15
N ARG A 201 -7.21 0.09 -7.19
N ARG A 201 -6.83 0.09 -5.97
CA ARG A 201 -8.60 0.43 -6.92
CA ARG A 201 -8.19 0.38 -5.56
C ARG A 201 -9.39 -0.86 -6.77
C ARG A 201 -9.13 -0.77 -5.91
N ALA A 202 -9.81 -1.17 -5.55
N ALA A 202 -9.93 -1.20 -4.93
CA ALA A 202 -10.67 -2.32 -5.34
CA ALA A 202 -10.80 -2.37 -5.09
C ALA A 202 -12.01 -2.08 -6.04
C ALA A 202 -12.01 -2.08 -5.99
N PRO A 203 -12.63 -3.13 -6.55
CA PRO A 203 -13.84 -2.92 -7.37
C PRO A 203 -15.01 -2.33 -6.60
N GLU A 204 -15.19 -2.67 -5.32
CA GLU A 204 -16.28 -2.06 -4.57
C GLU A 204 -16.03 -0.56 -4.37
N VAL A 205 -14.77 -0.12 -4.41
CA VAL A 205 -14.50 1.31 -4.35
C VAL A 205 -14.88 1.98 -5.67
N ILE A 206 -14.43 1.40 -6.79
CA ILE A 206 -14.78 1.92 -8.11
C ILE A 206 -16.28 2.01 -8.28
N LEU A 207 -17.00 0.98 -7.86
CA LEU A 207 -18.43 0.89 -8.09
C LEU A 207 -19.24 1.53 -6.97
N ALA A 208 -18.58 2.12 -5.97
CA ALA A 208 -19.25 2.86 -4.90
C ALA A 208 -20.27 1.97 -4.20
N LEU A 209 -19.90 0.72 -3.96
CA LEU A 209 -20.78 -0.20 -3.29
C LEU A 209 -20.61 -0.17 -1.79
N GLY A 210 -19.76 0.72 -1.28
CA GLY A 210 -19.30 0.73 0.09
C GLY A 210 -18.02 -0.07 0.23
N TRP A 211 -17.18 0.36 1.15
CA TRP A 211 -15.90 -0.30 1.35
C TRP A 211 -15.59 -0.33 2.84
N SER A 212 -14.76 -1.31 3.21
CA SER A 212 -14.20 -1.37 4.54
C SER A 212 -12.95 -2.23 4.45
N GLN A 213 -12.68 -3.02 5.49
CA GLN A 213 -11.38 -3.71 5.55
C GLN A 213 -11.06 -4.57 4.32
N PRO A 214 -12.03 -5.20 3.66
CA PRO A 214 -11.66 -5.96 2.45
C PRO A 214 -10.95 -5.14 1.38
N CYS A 215 -11.18 -3.83 1.30
CA CYS A 215 -10.47 -3.11 0.24
C CYS A 215 -8.96 -3.08 0.49
N ASP A 216 -8.54 -3.24 1.76
CA ASP A 216 -7.11 -3.43 2.06
C ASP A 216 -6.58 -4.74 1.52
N VAL A 217 -7.38 -5.80 1.63
CA VAL A 217 -6.93 -7.11 1.15
C VAL A 217 -6.72 -7.06 -0.37
N TRP A 218 -7.64 -6.40 -1.08
CA TRP A 218 -7.46 -6.23 -2.51
C TRP A 218 -6.13 -5.56 -2.82
N SER A 219 -5.85 -4.44 -2.15
CA SER A 219 -4.60 -3.74 -2.38
C SER A 219 -3.39 -4.63 -2.11
N ILE A 220 -3.46 -5.45 -1.05
CA ILE A 220 -2.33 -6.33 -0.74
C ILE A 220 -2.13 -7.38 -1.83
N GLY A 221 -3.22 -7.94 -2.39
CA GLY A 221 -3.06 -8.86 -3.51
C GLY A 221 -2.32 -8.20 -4.67
N CYS A 222 -2.65 -6.94 -4.95
CA CYS A 222 -1.99 -6.19 -6.01
C CYS A 222 -0.53 -5.92 -5.68
N ILE A 223 -0.24 -5.55 -4.42
CA ILE A 223 1.15 -5.41 -3.96
C ILE A 223 1.94 -6.68 -4.24
N LEU A 224 1.38 -7.84 -3.88
CA LEU A 224 2.12 -9.09 -4.03
C LEU A 224 2.44 -9.37 -5.49
N ILE A 225 1.48 -9.13 -6.40
N ILE A 225 1.51 -9.08 -6.41
CA ILE A 225 1.75 -9.28 -7.81
CA ILE A 225 1.84 -9.38 -7.80
C ILE A 225 2.93 -8.40 -8.22
C ILE A 225 2.85 -8.36 -8.34
N GLU A 226 2.85 -7.13 -7.82
CA GLU A 226 3.91 -6.17 -8.17
C GLU A 226 5.27 -6.56 -7.60
N TYR A 227 5.32 -7.16 -6.42
CA TYR A 227 6.58 -7.68 -5.90
C TYR A 227 7.12 -8.83 -6.75
N TYR A 228 6.20 -9.67 -7.22
CA TYR A 228 6.56 -10.85 -7.99
C TYR A 228 7.01 -10.49 -9.40
N LEU A 229 6.38 -9.49 -10.00
CA LEU A 229 6.67 -9.10 -11.39
C LEU A 229 7.63 -7.93 -11.51
N GLY A 230 7.67 -7.06 -10.52
CA GLY A 230 8.41 -5.83 -10.67
C GLY A 230 7.59 -4.69 -11.20
N PHE A 231 6.34 -4.94 -11.56
CA PHE A 231 5.48 -3.92 -12.11
C PHE A 231 4.05 -4.29 -11.77
N THR A 232 3.18 -3.29 -11.76
CA THR A 232 1.77 -3.53 -11.47
C THR A 232 1.08 -4.18 -12.67
N VAL A 233 0.07 -5.01 -12.38
CA VAL A 233 -0.75 -5.51 -13.47
C VAL A 233 -1.90 -4.60 -13.79
N PHE A 234 -2.03 -3.47 -13.10
CA PHE A 234 -3.07 -2.48 -13.42
C PHE A 234 -2.42 -1.13 -13.75
N PRO A 235 -1.64 -1.07 -14.83
CA PRO A 235 -0.97 0.18 -15.20
C PRO A 235 -1.94 1.23 -15.73
N THR A 236 -2.78 1.79 -14.87
CA THR A 236 -3.74 2.78 -15.32
C THR A 236 -4.19 3.63 -14.14
N HIS A 237 -4.67 4.83 -14.45
N HIS A 237 -4.65 4.83 -14.47
CA HIS A 237 -5.35 5.63 -13.44
CA HIS A 237 -5.31 5.73 -13.53
C HIS A 237 -6.77 6.02 -13.88
C HIS A 237 -6.80 5.86 -13.79
N ASP A 238 -7.28 5.43 -14.96
CA ASP A 238 -8.66 5.63 -15.36
C ASP A 238 -9.52 4.48 -14.84
N SER A 239 -10.63 4.82 -14.18
CA SER A 239 -11.41 3.81 -13.47
C SER A 239 -12.07 2.81 -14.41
N LYS A 240 -12.55 3.27 -15.57
CA LYS A 240 -13.15 2.32 -16.50
C LYS A 240 -12.09 1.42 -17.12
N GLU A 241 -10.95 2.00 -17.46
CA GLU A 241 -9.82 1.19 -17.92
C GLU A 241 -9.43 0.17 -16.85
N HIS A 242 -9.44 0.61 -15.59
CA HIS A 242 -9.14 -0.28 -14.48
C HIS A 242 -10.09 -1.47 -14.45
N LEU A 243 -11.39 -1.20 -14.63
CA LEU A 243 -12.36 -2.29 -14.65
C LEU A 243 -12.13 -3.18 -15.86
N ALA A 244 -11.78 -2.59 -17.01
CA ALA A 244 -11.47 -3.39 -18.18
C ALA A 244 -10.27 -4.29 -17.92
N MET A 245 -9.23 -3.76 -17.29
CA MET A 245 -8.09 -4.59 -16.92
C MET A 245 -8.50 -5.71 -15.96
N MET A 246 -9.35 -5.40 -14.97
CA MET A 246 -9.80 -6.45 -14.06
C MET A 246 -10.46 -7.59 -14.81
N GLU A 247 -11.31 -7.28 -15.80
CA GLU A 247 -12.00 -8.33 -16.51
C GLU A 247 -11.04 -9.21 -17.29
N ARG A 248 -10.00 -8.61 -17.87
CA ARG A 248 -9.04 -9.40 -18.63
C ARG A 248 -8.20 -10.30 -17.73
N ILE A 249 -7.84 -9.81 -16.54
CA ILE A 249 -6.98 -10.57 -15.63
C ILE A 249 -7.77 -11.54 -14.79
N LEU A 250 -8.97 -11.15 -14.35
CA LEU A 250 -9.72 -11.89 -13.35
C LEU A 250 -11.04 -12.45 -13.86
N GLY A 251 -11.45 -12.14 -15.08
CA GLY A 251 -12.75 -12.57 -15.56
C GLY A 251 -13.80 -11.52 -15.34
N PRO A 252 -15.01 -11.76 -15.86
CA PRO A 252 -16.09 -10.78 -15.77
C PRO A 252 -16.46 -10.43 -14.33
N LEU A 253 -16.80 -9.16 -14.13
CA LEU A 253 -17.37 -8.71 -12.87
C LEU A 253 -18.62 -9.53 -12.55
N PRO A 254 -18.85 -9.84 -11.28
CA PRO A 254 -20.03 -10.62 -10.91
C PRO A 254 -21.30 -9.83 -11.23
N LYS A 255 -22.29 -10.54 -11.78
N LYS A 255 -22.30 -10.53 -11.77
CA LYS A 255 -23.55 -9.90 -12.15
CA LYS A 255 -23.53 -9.84 -12.15
C LYS A 255 -24.18 -9.19 -10.96
C LYS A 255 -24.19 -9.17 -10.95
N HIS A 256 -24.07 -9.77 -9.76
CA HIS A 256 -24.71 -9.19 -8.59
C HIS A 256 -24.12 -7.83 -8.24
N MET A 257 -22.83 -7.61 -8.54
CA MET A 257 -22.24 -6.29 -8.31
C MET A 257 -22.63 -5.30 -9.39
N ILE A 258 -22.72 -5.75 -10.65
CA ILE A 258 -23.20 -4.88 -11.70
C ILE A 258 -24.63 -4.46 -11.42
N GLN A 259 -25.45 -5.40 -10.94
CA GLN A 259 -26.85 -5.07 -10.65
C GLN A 259 -26.96 -3.99 -9.58
N LYS A 260 -26.08 -4.03 -8.57
CA LYS A 260 -26.24 -3.16 -7.41
C LYS A 260 -25.63 -1.77 -7.57
N THR A 261 -24.70 -1.57 -8.50
CA THR A 261 -23.95 -0.34 -8.51
C THR A 261 -24.75 0.81 -9.11
N ARG A 262 -24.51 2.01 -8.58
CA ARG A 262 -25.05 3.26 -9.11
C ARG A 262 -24.14 3.87 -10.18
N LYS A 263 -22.93 3.32 -10.35
CA LYS A 263 -21.98 3.81 -11.34
C LYS A 263 -22.36 3.24 -12.71
N ARG A 264 -23.52 3.68 -13.20
CA ARG A 264 -24.00 3.19 -14.48
C ARG A 264 -23.18 3.73 -15.64
N LYS A 265 -22.40 4.78 -15.40
CA LYS A 265 -21.53 5.33 -16.45
C LYS A 265 -20.50 4.34 -16.94
N TYR A 266 -20.15 3.34 -16.13
CA TYR A 266 -19.22 2.29 -16.57
C TYR A 266 -19.90 1.21 -17.38
N PHE A 267 -21.23 1.21 -17.47
CA PHE A 267 -21.95 0.05 -17.97
C PHE A 267 -22.95 0.41 -19.05
N HIS A 268 -23.27 -0.62 -19.85
CA HIS A 268 -24.24 -0.57 -20.93
C HIS A 268 -24.92 -1.93 -20.90
N HIS A 269 -26.22 -1.96 -20.61
N HIS A 269 -26.20 -1.95 -20.54
CA HIS A 269 -26.96 -3.22 -20.39
CA HIS A 269 -26.98 -3.18 -20.32
C HIS A 269 -26.30 -3.93 -19.21
C HIS A 269 -26.29 -3.94 -19.18
N ASP A 270 -26.08 -5.25 -19.29
CA ASP A 270 -25.51 -6.03 -18.19
C ASP A 270 -23.99 -6.03 -18.12
N ARG A 271 -23.27 -5.36 -19.03
CA ARG A 271 -21.83 -5.58 -19.12
C ARG A 271 -21.07 -4.26 -19.22
N LEU A 272 -19.75 -4.36 -19.01
CA LEU A 272 -18.89 -3.19 -19.05
C LEU A 272 -18.93 -2.56 -20.43
N ASP A 273 -19.07 -1.22 -20.47
CA ASP A 273 -19.21 -0.52 -21.74
C ASP A 273 -17.82 -0.14 -22.22
N TRP A 274 -17.15 -1.12 -22.83
CA TRP A 274 -15.73 -1.00 -23.12
C TRP A 274 -15.50 -1.26 -24.59
N ASP A 275 -14.77 -0.35 -25.26
CA ASP A 275 -14.48 -0.47 -26.69
C ASP A 275 -13.08 -1.07 -26.77
N GLU A 276 -13.01 -2.36 -27.14
CA GLU A 276 -11.74 -3.07 -27.15
C GLU A 276 -10.82 -2.60 -28.27
N HIS A 277 -11.34 -1.87 -29.25
CA HIS A 277 -10.57 -1.45 -30.41
C HIS A 277 -10.13 0.02 -30.34
N SER A 278 -10.45 0.71 -29.26
CA SER A 278 -9.94 2.05 -29.04
C SER A 278 -8.48 1.98 -28.60
N SER A 279 -7.85 3.15 -28.54
CA SER A 279 -6.49 3.26 -28.01
C SER A 279 -6.36 2.55 -26.66
N ALA A 280 -7.22 2.90 -25.72
CA ALA A 280 -7.18 2.26 -24.41
C ALA A 280 -7.48 0.77 -24.52
N GLY A 281 -8.41 0.40 -25.40
CA GLY A 281 -8.76 -1.00 -25.56
C GLY A 281 -7.61 -1.84 -26.07
N ARG A 282 -6.90 -1.35 -27.09
CA ARG A 282 -5.77 -2.10 -27.64
C ARG A 282 -4.66 -2.23 -26.60
N TYR A 283 -4.46 -1.19 -25.81
CA TYR A 283 -3.46 -1.27 -24.75
C TYR A 283 -3.85 -2.31 -23.72
N VAL A 284 -5.11 -2.27 -23.26
CA VAL A 284 -5.55 -3.24 -22.26
C VAL A 284 -5.38 -4.67 -22.77
N SER A 285 -5.74 -4.91 -24.03
CA SER A 285 -5.59 -6.24 -24.61
C SER A 285 -4.13 -6.69 -24.62
N ARG A 286 -3.21 -5.76 -24.84
CA ARG A 286 -1.80 -6.11 -24.87
C ARG A 286 -1.24 -6.29 -23.47
N ALA A 287 -1.53 -5.33 -22.59
CA ALA A 287 -0.89 -5.24 -21.29
C ALA A 287 -1.44 -6.24 -20.26
N CYS A 288 -2.65 -6.72 -20.44
CA CYS A 288 -3.29 -7.56 -19.44
C CYS A 288 -3.60 -8.92 -20.03
N LYS A 289 -3.60 -9.92 -19.16
CA LYS A 289 -3.97 -11.28 -19.52
C LYS A 289 -4.39 -11.98 -18.25
N PRO A 290 -5.00 -13.17 -18.37
CA PRO A 290 -5.45 -13.89 -17.18
C PRO A 290 -4.35 -14.02 -16.13
N LEU A 291 -4.75 -13.91 -14.85
CA LEU A 291 -3.81 -13.79 -13.75
C LEU A 291 -2.69 -14.82 -13.80
N LYS A 292 -3.05 -16.10 -13.90
CA LYS A 292 -2.01 -17.11 -13.78
C LYS A 292 -1.07 -17.17 -14.98
N GLU A 293 -1.37 -16.47 -16.08
CA GLU A 293 -0.36 -16.42 -17.15
C GLU A 293 0.80 -15.53 -16.78
N PHE A 294 0.71 -14.77 -15.69
CA PHE A 294 1.83 -13.97 -15.24
C PHE A 294 2.85 -14.79 -14.46
N MET A 295 2.57 -16.04 -14.16
CA MET A 295 3.49 -16.83 -13.35
C MET A 295 4.81 -17.02 -14.10
N LEU A 296 5.90 -16.87 -13.39
CA LEU A 296 7.23 -17.07 -13.95
C LEU A 296 7.72 -18.50 -13.79
N SER A 297 7.06 -19.30 -12.95
CA SER A 297 7.40 -20.70 -12.79
C SER A 297 6.13 -21.46 -12.44
N GLN A 298 6.14 -22.75 -12.73
CA GLN A 298 5.07 -23.66 -12.32
C GLN A 298 5.38 -24.40 -11.02
N ASP A 299 6.50 -24.07 -10.36
N ASP A 299 6.49 -24.07 -10.37
CA ASP A 299 6.85 -24.69 -9.08
CA ASP A 299 6.84 -24.64 -9.07
C ASP A 299 5.76 -24.41 -8.04
C ASP A 299 5.69 -24.47 -8.08
N VAL A 300 5.62 -25.33 -7.07
CA VAL A 300 4.49 -25.31 -6.15
C VAL A 300 4.45 -24.05 -5.30
N GLU A 301 5.59 -23.49 -4.94
N GLU A 301 5.62 -23.52 -4.93
CA GLU A 301 5.51 -22.28 -4.13
CA GLU A 301 5.64 -22.27 -4.17
C GLU A 301 5.10 -21.06 -4.95
C GLU A 301 5.02 -21.14 -4.97
N HIS A 302 5.27 -21.11 -6.28
CA HIS A 302 4.68 -20.09 -7.12
C HIS A 302 3.17 -20.29 -7.23
N GLU A 303 2.74 -21.56 -7.37
CA GLU A 303 1.31 -21.87 -7.34
C GLU A 303 0.68 -21.45 -6.03
N ARG A 304 1.39 -21.67 -4.92
CA ARG A 304 0.85 -21.27 -3.63
C ARG A 304 0.66 -19.75 -3.57
N LEU A 305 1.67 -19.00 -4.02
CA LEU A 305 1.56 -17.54 -4.05
C LEU A 305 0.37 -17.11 -4.90
N PHE A 306 0.23 -17.69 -6.09
CA PHE A 306 -0.81 -17.19 -6.98
C PHE A 306 -2.19 -17.61 -6.52
N ASP A 307 -2.29 -18.73 -5.78
CA ASP A 307 -3.57 -19.07 -5.18
C ASP A 307 -3.97 -18.04 -4.13
N LEU A 308 -3.02 -17.58 -3.31
CA LEU A 308 -3.31 -16.55 -2.35
C LEU A 308 -3.71 -15.24 -3.05
N ILE A 309 -2.92 -14.82 -4.04
CA ILE A 309 -3.24 -13.61 -4.79
C ILE A 309 -4.65 -13.71 -5.39
N GLN A 310 -5.01 -14.86 -5.96
CA GLN A 310 -6.33 -14.94 -6.57
C GLN A 310 -7.43 -14.82 -5.53
N LYS A 311 -7.21 -15.34 -4.31
CA LYS A 311 -8.21 -15.21 -3.26
C LYS A 311 -8.29 -13.77 -2.77
N MET A 312 -7.17 -13.06 -2.73
CA MET A 312 -7.19 -11.66 -2.35
C MET A 312 -7.84 -10.78 -3.41
N LEU A 313 -7.82 -11.22 -4.68
CA LEU A 313 -8.43 -10.47 -5.78
C LEU A 313 -9.82 -11.00 -6.14
N GLU A 314 -10.49 -11.65 -5.19
N GLU A 314 -10.50 -11.64 -5.18
CA GLU A 314 -11.92 -11.94 -5.30
CA GLU A 314 -11.92 -11.95 -5.32
C GLU A 314 -12.72 -10.65 -5.46
C GLU A 314 -12.73 -10.67 -5.45
N TYR A 315 -13.62 -10.63 -6.45
CA TYR A 315 -14.38 -9.41 -6.72
C TYR A 315 -15.28 -9.04 -5.54
N ASP A 316 -16.02 -10.00 -5.02
CA ASP A 316 -17.00 -9.69 -3.99
C ASP A 316 -16.26 -9.48 -2.67
N PRO A 317 -16.37 -8.31 -2.04
CA PRO A 317 -15.58 -8.06 -0.83
C PRO A 317 -16.02 -8.90 0.36
N ALA A 318 -17.27 -9.37 0.41
CA ALA A 318 -17.69 -10.31 1.46
C ALA A 318 -17.00 -11.66 1.28
N LYS A 319 -17.03 -12.22 0.06
CA LYS A 319 -16.38 -13.50 -0.19
C LYS A 319 -14.87 -13.43 -0.06
N ARG A 320 -14.28 -12.28 -0.35
CA ARG A 320 -12.83 -12.12 -0.35
C ARG A 320 -12.23 -12.63 0.95
N ILE A 321 -11.05 -13.26 0.83
CA ILE A 321 -10.37 -13.77 2.00
C ILE A 321 -10.08 -12.62 2.95
N THR A 322 -10.18 -12.89 4.24
CA THR A 322 -9.73 -11.93 5.24
C THR A 322 -8.24 -12.12 5.53
N LEU A 323 -7.63 -11.12 6.18
CA LEU A 323 -6.22 -11.28 6.49
C LEU A 323 -6.00 -12.37 7.52
N ARG A 324 -6.94 -12.53 8.44
CA ARG A 324 -6.81 -13.62 9.40
C ARG A 324 -6.74 -14.97 8.70
N GLU A 325 -7.57 -15.15 7.66
CA GLU A 325 -7.51 -16.35 6.83
C GLU A 325 -6.24 -16.41 5.98
N ALA A 326 -5.81 -15.27 5.44
CA ALA A 326 -4.63 -15.29 4.58
C ALA A 326 -3.41 -15.73 5.35
N LEU A 327 -3.34 -15.38 6.63
CA LEU A 327 -2.17 -15.74 7.40
C LEU A 327 -2.07 -17.24 7.61
N LYS A 328 -3.17 -17.97 7.40
CA LYS A 328 -3.20 -19.43 7.48
C LYS A 328 -3.03 -20.10 6.12
N HIS A 329 -2.75 -19.34 5.06
CA HIS A 329 -2.68 -19.91 3.73
C HIS A 329 -1.40 -20.74 3.56
N PRO A 330 -1.43 -21.79 2.72
CA PRO A 330 -0.24 -22.64 2.54
C PRO A 330 1.00 -21.91 2.08
N PHE A 331 0.86 -20.77 1.38
CA PHE A 331 2.02 -20.00 0.97
C PHE A 331 2.93 -19.70 2.16
N PHE A 332 2.35 -19.54 3.35
CA PHE A 332 3.11 -19.17 4.54
C PHE A 332 3.58 -20.37 5.35
N ASP A 333 3.29 -21.61 4.93
CA ASP A 333 3.68 -22.78 5.72
C ASP A 333 5.20 -22.85 5.91
N LEU A 334 5.97 -22.45 4.89
CA LEU A 334 7.43 -22.46 5.02
C LEU A 334 7.94 -21.55 6.13
N LEU A 335 7.15 -20.57 6.58
CA LEU A 335 7.55 -19.74 7.71
C LEU A 335 7.17 -20.35 9.06
N LYS A 336 6.39 -21.43 9.08
CA LYS A 336 5.88 -22.02 10.31
C LYS A 336 7.02 -22.69 11.09
N LYS A 337 6.71 -23.03 12.34
CA LYS A 337 7.72 -23.53 13.27
C LYS A 337 8.33 -24.83 12.77
N SER A 338 9.65 -24.93 12.88
CA SER A 338 10.35 -26.15 12.51
C SER A 338 9.86 -27.33 13.36
N ILE A 339 9.64 -28.46 12.71
CA ILE A 339 9.03 -29.63 13.33
C ILE A 339 9.99 -30.33 14.31
CAA V25 B . 5.85 9.25 -0.82
CAL V25 B . 7.05 9.69 0.05
OAM V25 B . 6.89 9.11 1.33
CAN V25 B . 8.10 8.79 1.95
OAE V25 B . 9.11 9.10 1.37
CAS V25 B . 8.11 8.28 3.40
NAV V25 B . 9.20 8.08 4.15
CAB V25 B . 10.60 8.21 3.71
CAU V25 B . 8.82 7.74 5.41
CAQ V25 B . 9.56 7.39 6.57
CL1 V25 B . 11.32 7.35 6.65
CAP V25 B . 8.89 7.07 7.72
CL2 V25 B . 9.85 6.64 9.14
CAJ V25 B . 7.51 7.05 7.81
CAK V25 B . 6.79 7.37 6.67
CAT V25 B . 7.45 7.71 5.47
CAR V25 B . 6.95 8.08 4.19
CAO V25 B . 5.44 8.12 3.87
CAH V25 B . 4.45 8.85 4.75
NAC V25 B . 3.69 9.28 5.45
CAI V25 B . 4.85 7.38 2.90
NAD V25 B . 5.75 6.60 2.06
#